data_6ER1
#
_entry.id   6ER1
#
_cell.length_a   84.940
_cell.length_b   84.940
_cell.length_c   40.400
_cell.angle_alpha   90.000
_cell.angle_beta   90.000
_cell.angle_gamma   120.000
#
_symmetry.space_group_name_H-M   'P 32 2 1'
#
loop_
_entity.id
_entity.type
_entity.pdbx_description
1 polymer 'Centrosome-associated zinc finger protein CP190'
2 non-polymer 'PHOSPHATE ION'
3 water water
#
_entity_poly.entity_id   1
_entity_poly.type   'polypeptide(L)'
_entity_poly.pdbx_seq_one_letter_code
;SGSEFMGEVKSVKVDNWGVFFLQKLQNFFNKTDYCDLTLQFRDNSQLKVHRLVLSACTDYFNVLEQTCEIVDDALIMPNE
FQADVVVPIVNFMYTGTLEFELKMYGKLLRTAKEMNMTVLLKLLEAHRRTM
;
_entity_poly.pdbx_strand_id   A
#
loop_
_chem_comp.id
_chem_comp.type
_chem_comp.name
_chem_comp.formula
PO4 non-polymer 'PHOSPHATE ION' 'O4 P -3'
#
# COMPACT_ATOMS: atom_id res chain seq x y z
N GLU A 8 -6.58 -0.50 -42.33
CA GLU A 8 -5.48 -0.21 -41.38
C GLU A 8 -6.02 -0.16 -39.94
N VAL A 9 -5.08 -0.16 -39.00
CA VAL A 9 -5.44 -0.15 -37.59
C VAL A 9 -5.75 1.28 -37.11
N LYS A 10 -6.95 1.48 -36.58
CA LYS A 10 -7.35 2.75 -35.98
C LYS A 10 -7.22 2.72 -34.47
N SER A 11 -7.24 3.90 -33.87
CA SER A 11 -7.26 3.95 -32.45
C SER A 11 -8.05 5.15 -31.94
N VAL A 12 -8.81 4.89 -30.87
CA VAL A 12 -9.59 5.93 -30.20
C VAL A 12 -9.32 5.74 -28.70
N LYS A 13 -9.46 6.79 -27.91
CA LYS A 13 -9.09 6.72 -26.51
C LYS A 13 -10.02 7.51 -25.60
N VAL A 14 -10.11 7.04 -24.35
CA VAL A 14 -10.75 7.78 -23.26
C VAL A 14 -9.61 8.53 -22.55
N ASP A 15 -9.75 9.84 -22.44
CA ASP A 15 -8.74 10.64 -21.77
C ASP A 15 -8.74 10.36 -20.25
N ASN A 16 -7.59 10.55 -19.66
CA ASN A 16 -7.44 10.47 -18.20
C ASN A 16 -7.84 9.09 -17.65
N TRP A 17 -7.36 8.06 -18.34
CA TRP A 17 -7.71 6.69 -17.94
C TRP A 17 -7.26 6.35 -16.52
N GLY A 18 -6.12 6.88 -16.13
CA GLY A 18 -5.60 6.64 -14.80
C GLY A 18 -6.54 7.11 -13.69
N VAL A 19 -7.15 8.28 -13.89
CA VAL A 19 -8.12 8.85 -12.96
C VAL A 19 -9.36 7.97 -12.89
N PHE A 20 -9.86 7.56 -14.07
CA PHE A 20 -10.99 6.61 -14.14
C PHE A 20 -10.70 5.34 -13.34
N PHE A 21 -9.54 4.73 -13.60
CA PHE A 21 -9.22 3.46 -13.06
C PHE A 21 -9.02 3.50 -11.53
N LEU A 22 -8.32 4.54 -11.07
CA LEU A 22 -8.08 4.71 -9.65
C LEU A 22 -9.39 4.84 -8.87
N GLN A 23 -10.37 5.54 -9.44
CA GLN A 23 -11.65 5.67 -8.75
C GLN A 23 -12.27 4.31 -8.54
N LYS A 24 -12.19 3.46 -9.58
CA LYS A 24 -12.75 2.11 -9.48
C LYS A 24 -12.00 1.24 -8.49
N LEU A 25 -10.69 1.33 -8.53
CA LEU A 25 -9.84 0.57 -7.63
C LEU A 25 -10.05 0.97 -6.14
N GLN A 26 -10.16 2.26 -5.91
CA GLN A 26 -10.42 2.77 -4.53
C GLN A 26 -11.73 2.23 -4.00
N ASN A 27 -12.77 2.23 -4.84
CA ASN A 27 -14.02 1.63 -4.46
C ASN A 27 -13.90 0.17 -4.11
N PHE A 28 -13.17 -0.58 -4.92
CA PHE A 28 -12.95 -1.98 -4.60
C PHE A 28 -12.24 -2.18 -3.22
N PHE A 29 -11.26 -1.35 -2.97
CA PHE A 29 -10.54 -1.37 -1.70
C PHE A 29 -11.48 -1.09 -0.54
N ASN A 30 -12.34 -0.08 -0.69
CA ASN A 30 -13.27 0.28 0.37
C ASN A 30 -14.29 -0.84 0.64
N LYS A 31 -14.67 -1.59 -0.40
CA LYS A 31 -15.70 -2.64 -0.28
C LYS A 31 -15.06 -4.03 -0.07
N THR A 32 -13.72 -4.10 -0.10
CA THR A 32 -12.91 -5.35 -0.04
C THR A 32 -13.25 -6.32 -1.16
N ASP A 33 -13.50 -5.78 -2.34
CA ASP A 33 -13.78 -6.56 -3.55
C ASP A 33 -12.47 -6.89 -4.22
N TYR A 34 -12.30 -8.18 -4.54
CA TYR A 34 -11.15 -8.73 -5.27
C TYR A 34 -9.89 -8.70 -4.46
N CYS A 35 -9.99 -8.47 -3.13
CA CYS A 35 -8.78 -8.46 -2.31
C CYS A 35 -8.21 -9.88 -2.23
N ASP A 36 -6.89 -9.98 -2.21
CA ASP A 36 -6.22 -11.27 -2.27
C ASP A 36 -5.10 -11.41 -1.30
N LEU A 37 -5.02 -10.47 -0.36
CA LEU A 37 -4.00 -10.48 0.67
C LEU A 37 -4.60 -9.85 1.94
N THR A 38 -4.55 -10.57 3.06
CA THR A 38 -5.06 -10.10 4.32
C THR A 38 -3.88 -9.89 5.25
N LEU A 39 -3.72 -8.66 5.72
CA LEU A 39 -2.65 -8.30 6.66
C LEU A 39 -3.21 -8.33 8.06
N GLN A 40 -2.53 -9.00 8.97
CA GLN A 40 -2.97 -9.11 10.35
C GLN A 40 -2.00 -8.46 11.33
N PHE A 41 -2.55 -7.58 12.18
CA PHE A 41 -1.80 -6.85 13.19
C PHE A 41 -1.75 -7.57 14.53
N ARG A 42 -0.91 -7.09 15.44
CA ARG A 42 -0.68 -7.75 16.74
C ARG A 42 -1.96 -7.79 17.57
N ASP A 43 -2.82 -6.76 17.40
CA ASP A 43 -4.12 -6.69 18.10
C ASP A 43 -5.23 -7.58 17.45
N ASN A 44 -4.86 -8.35 16.42
CA ASN A 44 -5.69 -9.30 15.65
C ASN A 44 -6.59 -8.61 14.62
N SER A 45 -6.48 -7.28 14.49
CA SER A 45 -7.23 -6.56 13.46
C SER A 45 -6.59 -6.85 12.08
N GLN A 46 -7.37 -6.67 11.04
CA GLN A 46 -6.96 -7.03 9.70
C GLN A 46 -7.22 -5.91 8.73
N LEU A 47 -6.37 -5.88 7.70
CA LEU A 47 -6.53 -4.95 6.58
C LEU A 47 -6.43 -5.79 5.30
N LYS A 48 -7.48 -5.77 4.48
CA LYS A 48 -7.51 -6.53 3.22
C LYS A 48 -7.13 -5.65 2.05
N VAL A 49 -6.22 -6.14 1.20
CA VAL A 49 -5.63 -5.33 0.17
C VAL A 49 -5.54 -6.17 -1.12
N HIS A 50 -5.06 -5.51 -2.18
CA HIS A 50 -4.74 -6.13 -3.48
C HIS A 50 -3.25 -6.21 -3.64
N ARG A 51 -2.72 -7.42 -3.78
CA ARG A 51 -1.29 -7.65 -3.94
C ARG A 51 -0.69 -6.77 -5.03
N LEU A 52 -1.38 -6.68 -6.19
CA LEU A 52 -0.83 -5.94 -7.30
C LEU A 52 -0.69 -4.46 -6.99
N VAL A 53 -1.59 -3.90 -6.15
CA VAL A 53 -1.47 -2.48 -5.83
C VAL A 53 -0.21 -2.26 -4.99
N LEU A 54 -0.02 -3.12 -4.01
CA LEU A 54 1.15 -3.01 -3.12
C LEU A 54 2.45 -3.16 -3.95
N SER A 55 2.40 -4.07 -4.89
CA SER A 55 3.60 -4.41 -5.70
C SER A 55 4.01 -3.29 -6.67
N ALA A 56 3.09 -2.40 -7.01
CA ALA A 56 3.44 -1.26 -7.90
C ALA A 56 4.46 -0.31 -7.25
N CYS A 57 4.42 -0.29 -5.91
CA CYS A 57 5.28 0.63 -5.12
C CYS A 57 6.47 0.02 -4.44
N THR A 58 6.38 -1.28 -4.18
CA THR A 58 7.40 -1.94 -3.35
C THR A 58 7.45 -3.44 -3.60
N ASP A 59 8.56 -4.07 -3.26
CA ASP A 59 8.60 -5.54 -3.15
C ASP A 59 8.59 -6.04 -1.68
N TYR A 60 8.41 -5.14 -0.75
CA TYR A 60 8.49 -5.52 0.68
C TYR A 60 7.38 -6.49 1.08
N PHE A 61 6.15 -6.26 0.60
CA PHE A 61 5.09 -7.20 0.91
C PHE A 61 5.37 -8.58 0.28
N ASN A 62 6.04 -8.62 -0.89
CA ASN A 62 6.48 -9.88 -1.48
C ASN A 62 7.43 -10.62 -0.53
N VAL A 63 8.36 -9.90 0.05
CA VAL A 63 9.30 -10.54 0.98
C VAL A 63 8.61 -10.98 2.26
N LEU A 64 7.66 -10.18 2.74
CA LEU A 64 6.86 -10.61 3.93
C LEU A 64 6.10 -11.92 3.64
N GLU A 65 5.53 -12.05 2.44
CA GLU A 65 4.83 -13.26 2.11
C GLU A 65 5.77 -14.48 2.01
N GLN A 66 7.03 -14.26 1.64
CA GLN A 66 8.05 -15.30 1.63
C GLN A 66 8.58 -15.68 3.03
N THR A 67 8.45 -14.81 4.03
CA THR A 67 9.21 -14.94 5.28
C THR A 67 8.42 -14.88 6.57
N CYS A 68 7.15 -14.53 6.48
CA CYS A 68 6.33 -14.38 7.68
C CYS A 68 5.25 -15.44 7.76
N GLU A 69 4.78 -15.70 8.97
CA GLU A 69 3.78 -16.72 9.21
C GLU A 69 2.40 -16.34 8.60
N ILE A 70 1.69 -17.35 8.09
CA ILE A 70 0.30 -17.20 7.65
C ILE A 70 -0.58 -18.00 8.60
N VAL A 71 -1.59 -17.35 9.16
CA VAL A 71 -2.55 -17.99 10.07
C VAL A 71 -3.95 -17.75 9.53
N ASP A 72 -4.71 -18.80 9.26
CA ASP A 72 -6.10 -18.65 8.81
C ASP A 72 -6.22 -17.63 7.64
N ASP A 73 -5.38 -17.82 6.63
CA ASP A 73 -5.39 -17.03 5.41
C ASP A 73 -4.97 -15.55 5.59
N ALA A 74 -4.25 -15.23 6.67
CA ALA A 74 -3.80 -13.86 6.92
C ALA A 74 -2.31 -13.89 7.19
N LEU A 75 -1.64 -12.89 6.62
CA LEU A 75 -0.22 -12.72 6.81
C LEU A 75 0.05 -11.95 8.10
N ILE A 76 0.87 -12.52 8.98
CA ILE A 76 1.16 -11.90 10.28
C ILE A 76 2.25 -10.84 10.11
N MET A 77 1.87 -9.59 10.29
CA MET A 77 2.80 -8.49 10.11
C MET A 77 3.90 -8.50 11.18
N PRO A 78 5.14 -8.15 10.81
CA PRO A 78 6.19 -8.03 11.80
C PRO A 78 5.94 -6.94 12.84
N ASN A 79 6.61 -7.07 13.98
CA ASN A 79 6.43 -6.12 15.10
C ASN A 79 6.73 -4.68 14.73
N GLU A 80 7.67 -4.47 13.80
CA GLU A 80 8.03 -3.11 13.40
C GLU A 80 7.13 -2.54 12.31
N PHE A 81 6.10 -3.29 11.89
CA PHE A 81 5.32 -2.90 10.72
C PHE A 81 3.85 -3.10 11.03
N GLN A 82 3.37 -2.25 11.95
CA GLN A 82 1.98 -2.32 12.44
C GLN A 82 1.14 -1.22 11.87
N ALA A 83 -0.11 -1.13 12.29
CA ALA A 83 -1.10 -0.28 11.59
C ALA A 83 -0.71 1.18 11.55
N ASP A 84 0.02 1.67 12.59
CA ASP A 84 0.42 3.07 12.57
C ASP A 84 1.18 3.55 11.31
N VAL A 85 1.98 2.65 10.76
CA VAL A 85 2.68 2.94 9.49
C VAL A 85 2.00 2.27 8.30
N VAL A 86 1.44 1.09 8.50
CA VAL A 86 0.87 0.32 7.37
C VAL A 86 -0.34 0.99 6.81
N VAL A 87 -1.25 1.47 7.67
CA VAL A 87 -2.48 2.06 7.16
C VAL A 87 -2.25 3.33 6.32
N PRO A 88 -1.41 4.27 6.77
CA PRO A 88 -1.17 5.43 5.92
C PRO A 88 -0.41 5.04 4.60
N ILE A 89 0.54 4.12 4.75
CA ILE A 89 1.33 3.72 3.52
C ILE A 89 0.40 3.04 2.52
N VAL A 90 -0.43 2.12 2.95
CA VAL A 90 -1.36 1.47 2.02
C VAL A 90 -2.30 2.48 1.42
N ASN A 91 -2.84 3.41 2.21
CA ASN A 91 -3.71 4.40 1.62
C ASN A 91 -3.00 5.26 0.54
N PHE A 92 -1.73 5.56 0.78
CA PHE A 92 -0.87 6.23 -0.21
C PHE A 92 -0.76 5.37 -1.48
N MET A 93 -0.56 4.07 -1.31
CA MET A 93 -0.43 3.22 -2.53
C MET A 93 -1.66 3.26 -3.40
N TYR A 94 -2.85 3.39 -2.82
CA TYR A 94 -4.12 3.47 -3.56
C TYR A 94 -4.45 4.83 -4.14
N THR A 95 -3.83 5.88 -3.61
CA THR A 95 -4.28 7.24 -3.92
C THR A 95 -3.25 8.24 -4.39
N GLY A 96 -1.98 8.04 -4.03
CA GLY A 96 -0.95 9.03 -4.20
C GLY A 96 -0.83 10.10 -3.15
N THR A 97 -1.71 10.09 -2.14
CA THR A 97 -1.72 11.01 -1.03
C THR A 97 -1.29 10.26 0.23
N LEU A 98 -0.35 10.85 0.97
CA LEU A 98 0.03 10.36 2.28
C LEU A 98 -0.52 11.34 3.32
N GLU A 99 -1.42 10.85 4.17
CA GLU A 99 -1.99 11.60 5.31
C GLU A 99 -1.30 11.11 6.57
N PHE A 100 -0.78 12.02 7.38
CA PHE A 100 0.05 11.64 8.50
C PHE A 100 0.12 12.79 9.49
N GLU A 101 0.27 12.45 10.75
CA GLU A 101 0.62 13.46 11.77
C GLU A 101 2.12 13.68 11.72
N LEU A 102 2.59 14.91 11.92
CA LEU A 102 4.01 15.19 11.90
C LEU A 102 4.80 14.34 12.83
N LYS A 103 4.22 13.99 14.00
CA LYS A 103 4.93 13.17 14.92
C LYS A 103 5.36 11.78 14.36
N MET A 104 4.66 11.38 13.29
CA MET A 104 4.99 10.11 12.61
C MET A 104 5.97 10.28 11.46
N TYR A 105 6.42 11.46 11.12
CA TYR A 105 7.26 11.67 9.90
C TYR A 105 8.43 10.77 10.00
N GLY A 106 9.26 10.78 10.99
CA GLY A 106 10.45 10.00 11.02
C GLY A 106 10.21 8.55 11.02
N LYS A 107 9.20 8.04 11.63
CA LYS A 107 8.90 6.65 11.66
C LYS A 107 8.48 6.25 10.21
N LEU A 108 7.68 7.04 9.57
CA LEU A 108 7.25 6.72 8.19
C LEU A 108 8.45 6.74 7.32
N LEU A 109 9.38 7.66 7.45
CA LEU A 109 10.61 7.71 6.62
C LEU A 109 11.41 6.51 6.90
N ARG A 110 11.67 6.08 8.10
CA ARG A 110 12.43 4.88 8.39
C ARG A 110 11.71 3.65 7.82
N THR A 111 10.42 3.57 7.86
CA THR A 111 9.68 2.45 7.33
C THR A 111 9.87 2.47 5.76
N ALA A 112 9.72 3.60 5.14
CA ALA A 112 9.88 3.63 3.63
C ALA A 112 11.25 3.24 3.38
N LYS A 113 12.27 3.56 4.09
CA LYS A 113 13.66 3.11 3.85
C LYS A 113 13.80 1.65 4.06
N GLU A 114 13.19 1.01 5.01
CA GLU A 114 13.24 -0.42 5.21
C GLU A 114 12.58 -1.15 4.04
N MET A 115 11.56 -0.60 3.47
CA MET A 115 10.79 -1.20 2.38
C MET A 115 11.48 -0.92 1.04
N ASN A 116 12.39 0.00 1.01
CA ASN A 116 12.95 0.63 -0.21
C ASN A 116 11.85 1.10 -1.05
N MET A 117 10.84 1.73 -0.57
CA MET A 117 9.72 2.25 -1.29
C MET A 117 10.07 3.60 -1.84
N THR A 118 10.78 3.58 -2.99
CA THR A 118 11.34 4.75 -3.58
C THR A 118 10.35 5.89 -3.79
N VAL A 119 9.16 5.58 -4.30
CA VAL A 119 8.22 6.63 -4.61
C VAL A 119 7.81 7.40 -3.32
N LEU A 120 7.71 6.68 -2.22
CA LEU A 120 7.32 7.33 -0.93
C LEU A 120 8.53 8.08 -0.34
N LEU A 121 9.72 7.49 -0.45
CA LEU A 121 10.95 8.23 -0.05
C LEU A 121 11.06 9.57 -0.74
N LYS A 122 10.87 9.59 -2.05
CA LYS A 122 10.95 10.81 -2.79
C LYS A 122 9.90 11.82 -2.30
N LEU A 123 8.70 11.35 -2.04
CA LEU A 123 7.66 12.24 -1.54
C LEU A 123 8.03 12.84 -0.15
N LEU A 124 8.51 11.99 0.75
CA LEU A 124 8.79 12.44 2.14
C LEU A 124 9.97 13.35 2.16
N GLU A 125 10.83 13.25 1.15
CA GLU A 125 12.03 14.06 1.05
C GLU A 125 11.88 15.25 0.09
N ALA A 126 10.67 15.52 -0.41
CA ALA A 126 10.44 16.58 -1.41
C ALA A 126 10.64 17.96 -0.85
N HIS A 127 11.10 18.88 -1.70
CA HIS A 127 11.31 20.25 -1.27
C HIS A 127 10.96 21.25 -2.34
N ARG A 128 10.85 22.51 -1.94
CA ARG A 128 10.34 23.62 -2.79
C ARG A 128 9.15 23.24 -3.68
P PO4 B . 14.83 23.96 -4.19
O1 PO4 B . 15.93 23.10 -4.77
O2 PO4 B . 13.90 24.08 -5.36
O3 PO4 B . 15.34 25.27 -3.72
O4 PO4 B . 14.15 23.28 -3.01
#